data_1F85
#
_entry.id   1F85
#
_cell.length_a   1.000
_cell.length_b   1.000
_cell.length_c   1.000
_cell.angle_alpha   90.00
_cell.angle_beta   90.00
_cell.angle_gamma   90.00
#
_symmetry.space_group_name_H-M   'P 1'
#
_entity_poly.entity_id   1
_entity_poly.type   'polyribonucleotide'
_entity_poly.pdbx_seq_one_letter_code
;GGCCUGAUAGGGUC
;
_entity_poly.pdbx_strand_id   A
#